data_2J8F
#
_entry.id   2J8F
#
_cell.length_a   80.230
_cell.length_b   95.590
_cell.length_c   129.270
_cell.angle_alpha   90.00
_cell.angle_beta   90.00
_cell.angle_gamma   90.00
#
_symmetry.space_group_name_H-M   'C 2 2 21'
#
loop_
_entity.id
_entity.type
_entity.pdbx_description
1 polymer LYSOZYME
2 branched '2-acetamido-2-deoxy-beta-D-glucopyranose-(1-4)-methyl 2-acetamido-3-O-[(1R)-1-carboxyethyl]-2-deoxy-beta-D-glucopyranoside'
3 non-polymer ALANINE
4 non-polymer 'D-GLUTAMIC ACID'
5 non-polymer 'FORMIC ACID'
6 water water
#
_entity_poly.entity_id   1
_entity_poly.type   'polypeptide(L)'
_entity_poly.pdbx_seq_one_letter_code
;MVKKNDLFVDVSSHNGYDITGILEQMGTTNTIIKISESTTYLNPCLSAQVEQSNPIGFYHFARFGGDVAEAEREAQFFLD
NVPMQVKYLVLDYQDDPSGDAQANTNACLRFMQMIADAGYKPIYYSYKPFTHDNVDYQQILAQFPNSLWIAGYGLNDGTA
NFEYFPSMDGIRWWQYSSNPFDKNIVLLDDEEDDKPKTAGTWKQDSKGWWFRRNNGSFPYNKWEKIGGVWYYFDSKGYCL
TSEWLKDNEKWYYLKDNGAMATGWVLVGSEWYYMDDSGAMVTGWVKYKNNWYYMTNERGNMVSNEFIKSGKGWYFMNTNG
ELADNPSFTKEPDGLITVA
;
_entity_poly.pdbx_strand_id   A
#
# COMPACT_ATOMS: atom_id res chain seq x y z
N VAL A 2 0.17 -6.35 -3.89
CA VAL A 2 0.92 -5.58 -2.90
C VAL A 2 0.04 -5.30 -1.70
N LYS A 3 0.71 -5.10 -0.55
CA LYS A 3 0.06 -4.82 0.72
C LYS A 3 0.52 -3.45 1.28
N LYS A 4 -0.21 -2.95 2.25
CA LYS A 4 0.15 -1.71 2.94
C LYS A 4 1.61 -1.72 3.28
N ASN A 5 2.25 -0.57 3.03
CA ASN A 5 3.67 -0.33 3.36
C ASN A 5 4.69 -1.06 2.49
N ASP A 6 4.23 -1.80 1.46
CA ASP A 6 5.08 -2.31 0.42
C ASP A 6 5.62 -1.16 -0.41
N LEU A 7 6.80 -1.36 -0.99
CA LEU A 7 7.40 -0.37 -1.86
C LEU A 7 7.34 -0.79 -3.31
N PHE A 8 7.39 0.20 -4.18
CA PHE A 8 7.59 -0.03 -5.59
C PHE A 8 8.22 1.19 -6.27
N VAL A 9 8.82 0.98 -7.43
CA VAL A 9 9.52 2.03 -8.15
C VAL A 9 8.73 2.24 -9.43
N ASP A 10 8.75 3.44 -9.97
CA ASP A 10 8.20 3.64 -11.30
C ASP A 10 9.28 4.16 -12.23
N VAL A 11 9.27 3.65 -13.45
CA VAL A 11 10.30 3.93 -14.40
C VAL A 11 9.76 4.29 -15.79
N SER A 12 10.61 5.02 -16.52
CA SER A 12 10.39 5.42 -17.91
C SER A 12 11.72 5.35 -18.67
N SER A 13 11.78 5.84 -19.90
CA SER A 13 13.07 5.83 -20.64
C SER A 13 14.16 6.60 -19.89
N HIS A 14 13.76 7.51 -19.02
CA HIS A 14 14.69 8.25 -18.17
C HIS A 14 15.54 7.34 -17.29
N ASN A 15 15.05 6.13 -17.01
CA ASN A 15 15.78 5.14 -16.22
C ASN A 15 16.67 4.20 -17.03
N GLY A 16 16.59 4.25 -18.35
CA GLY A 16 17.44 3.46 -19.21
C GLY A 16 17.06 1.99 -19.30
N TYR A 17 17.91 1.23 -19.98
CA TYR A 17 17.68 -0.21 -20.26
C TYR A 17 18.14 -1.13 -19.15
N ASP A 18 18.73 -0.58 -18.11
CA ASP A 18 19.16 -1.38 -16.97
C ASP A 18 18.69 -0.72 -15.69
N ILE A 19 17.70 -1.34 -15.06
CA ILE A 19 17.14 -0.84 -13.82
C ILE A 19 17.41 -1.76 -12.65
N THR A 20 18.26 -2.77 -12.84
CA THR A 20 18.54 -3.72 -11.76
C THR A 20 19.13 -3.02 -10.53
N GLY A 21 19.90 -1.96 -10.78
CA GLY A 21 20.58 -1.19 -9.75
C GLY A 21 19.62 -0.45 -8.84
N ILE A 22 18.58 0.15 -9.39
CA ILE A 22 17.60 0.80 -8.54
C ILE A 22 16.68 -0.16 -7.81
N LEU A 23 16.33 -1.28 -8.43
CA LEU A 23 15.59 -2.31 -7.73
C LEU A 23 16.37 -2.85 -6.52
N GLU A 24 17.67 -3.06 -6.68
CA GLU A 24 18.51 -3.52 -5.55
C GLU A 24 18.57 -2.44 -4.43
N GLN A 25 18.71 -1.16 -4.80
CA GLN A 25 18.77 -0.09 -3.79
C GLN A 25 17.48 -0.01 -3.02
N MET A 26 16.37 -0.17 -3.74
CA MET A 26 15.05 -0.01 -3.13
C MET A 26 14.67 -1.24 -2.31
N GLY A 27 15.25 -2.40 -2.65
CA GLY A 27 14.94 -3.65 -1.98
C GLY A 27 13.68 -4.35 -2.49
N THR A 28 13.21 -3.95 -3.67
CA THR A 28 12.04 -4.60 -4.26
C THR A 28 12.18 -4.70 -5.77
N THR A 29 11.47 -5.66 -6.39
CA THR A 29 11.39 -5.70 -7.85
C THR A 29 10.05 -5.19 -8.39
N ASN A 30 9.15 -4.78 -7.48
CA ASN A 30 7.85 -4.20 -7.85
C ASN A 30 8.07 -2.93 -8.66
N THR A 31 7.42 -2.85 -9.81
CA THR A 31 7.51 -1.69 -10.68
C THR A 31 6.18 -1.28 -11.30
N ILE A 32 6.11 0.00 -11.65
CA ILE A 32 5.08 0.50 -12.59
C ILE A 32 5.87 1.18 -13.71
N ILE A 33 5.68 0.70 -14.94
CA ILE A 33 6.50 1.08 -16.07
C ILE A 33 5.72 1.90 -17.06
N LYS A 34 6.34 2.97 -17.56
CA LYS A 34 5.71 3.79 -18.58
C LYS A 34 5.61 3.00 -19.90
N ILE A 35 4.44 3.01 -20.51
CA ILE A 35 4.26 2.46 -21.85
C ILE A 35 4.27 3.56 -22.89
N SER A 36 3.36 4.52 -22.74
CA SER A 36 3.05 5.43 -23.81
C SER A 36 2.80 6.86 -23.35
N GLU A 37 2.74 7.71 -24.34
CA GLU A 37 2.46 9.14 -24.19
C GLU A 37 1.76 9.63 -25.45
N SER A 38 0.75 10.48 -25.29
CA SER A 38 -0.08 10.93 -26.42
C SER A 38 -0.62 9.72 -27.15
N THR A 39 -0.62 9.75 -28.49
CA THR A 39 -1.09 8.62 -29.27
C THR A 39 0.00 8.06 -30.19
N THR A 40 1.23 8.50 -30.02
CA THR A 40 2.33 8.21 -30.93
C THR A 40 3.65 7.79 -30.28
N TYR A 41 3.83 7.95 -28.97
CA TYR A 41 5.10 7.68 -28.27
C TYR A 41 5.04 6.42 -27.43
N LEU A 42 6.06 5.59 -27.63
CA LEU A 42 6.25 4.39 -26.81
C LEU A 42 7.63 4.47 -26.13
N ASN A 43 7.68 4.14 -24.83
CA ASN A 43 8.91 4.00 -24.06
C ASN A 43 9.69 2.81 -24.62
N PRO A 44 10.83 3.05 -25.23
CA PRO A 44 11.54 1.95 -25.86
C PRO A 44 12.19 0.97 -24.87
N CYS A 45 12.27 1.35 -23.60
CA CYS A 45 12.89 0.54 -22.54
C CYS A 45 11.89 -0.42 -21.94
N LEU A 46 10.64 -0.36 -22.39
CA LEU A 46 9.59 -1.17 -21.77
C LEU A 46 9.94 -2.67 -21.68
N SER A 47 10.32 -3.30 -22.78
CA SER A 47 10.55 -4.76 -22.75
C SER A 47 11.68 -5.13 -21.75
N ALA A 48 12.74 -4.34 -21.73
CA ALA A 48 13.87 -4.57 -20.84
C ALA A 48 13.44 -4.38 -19.37
N GLN A 49 12.70 -3.31 -19.11
CA GLN A 49 12.26 -2.94 -17.77
C GLN A 49 11.33 -4.00 -17.20
N VAL A 50 10.45 -4.53 -18.04
CA VAL A 50 9.59 -5.65 -17.69
C VAL A 50 10.44 -6.88 -17.33
N GLU A 51 11.43 -7.18 -18.16
CA GLU A 51 12.16 -8.43 -18.00
C GLU A 51 12.95 -8.43 -16.68
N GLN A 52 13.42 -7.26 -16.28
CA GLN A 52 14.22 -7.09 -15.10
C GLN A 52 13.42 -6.94 -13.81
N SER A 53 12.08 -6.91 -13.90
CA SER A 53 11.29 -6.59 -12.73
C SER A 53 10.02 -7.41 -12.58
N ASN A 54 9.20 -7.05 -11.61
CA ASN A 54 7.87 -7.62 -11.38
C ASN A 54 6.84 -6.52 -11.49
N PRO A 55 6.40 -6.18 -12.69
CA PRO A 55 5.44 -5.09 -12.88
C PRO A 55 4.14 -5.33 -12.15
N ILE A 56 3.68 -4.34 -11.39
CA ILE A 56 2.36 -4.38 -10.79
C ILE A 56 1.40 -3.54 -11.59
N GLY A 57 1.91 -2.74 -12.52
CA GLY A 57 1.07 -1.97 -13.41
C GLY A 57 1.90 -1.22 -14.48
N PHE A 58 1.21 -0.56 -15.40
CA PHE A 58 1.87 0.30 -16.37
C PHE A 58 1.20 1.66 -16.33
N TYR A 59 1.88 2.68 -16.84
CA TYR A 59 1.29 4.00 -16.91
C TYR A 59 1.43 4.70 -18.28
N HIS A 60 0.56 5.67 -18.47
CA HIS A 60 0.44 6.41 -19.70
C HIS A 60 0.55 7.90 -19.33
N PHE A 61 1.36 8.66 -20.07
CA PHE A 61 1.47 10.11 -19.83
C PHE A 61 0.47 10.82 -20.71
N ALA A 62 -0.55 11.40 -20.08
CA ALA A 62 -1.67 12.01 -20.77
C ALA A 62 -1.34 13.36 -21.38
N ARG A 63 -1.83 13.58 -22.59
CA ARG A 63 -1.66 14.84 -23.25
C ARG A 63 -3.00 15.32 -23.76
N PHE A 64 -4.09 14.72 -23.32
CA PHE A 64 -5.41 15.01 -23.87
C PHE A 64 -6.12 16.23 -23.27
N GLY A 65 -5.57 16.81 -22.20
CA GLY A 65 -6.17 17.94 -21.51
C GLY A 65 -7.62 17.71 -21.09
N GLY A 66 -8.53 18.43 -21.75
CA GLY A 66 -9.96 18.33 -21.47
C GLY A 66 -10.76 17.78 -22.63
N ASP A 67 -10.11 17.12 -23.59
CA ASP A 67 -10.75 16.64 -24.78
C ASP A 67 -11.07 15.15 -24.62
N VAL A 68 -12.36 14.82 -24.49
CA VAL A 68 -12.79 13.46 -24.18
C VAL A 68 -12.44 12.51 -25.32
N ALA A 69 -12.62 12.96 -26.55
CA ALA A 69 -12.37 12.13 -27.70
C ALA A 69 -10.89 11.77 -27.80
N GLU A 70 -10.06 12.76 -27.57
CA GLU A 70 -8.63 12.57 -27.52
C GLU A 70 -8.27 11.58 -26.43
N ALA A 71 -8.92 11.66 -25.28
CA ALA A 71 -8.63 10.78 -24.17
C ALA A 71 -8.95 9.34 -24.56
N GLU A 72 -10.00 9.14 -25.36
CA GLU A 72 -10.33 7.81 -25.82
C GLU A 72 -9.25 7.25 -26.74
N ARG A 73 -8.73 8.08 -27.64
CA ARG A 73 -7.69 7.59 -28.55
C ARG A 73 -6.41 7.31 -27.75
N GLU A 74 -6.09 8.15 -26.77
CA GLU A 74 -4.93 7.88 -25.91
C GLU A 74 -5.09 6.56 -25.13
N ALA A 75 -6.27 6.35 -24.53
CA ALA A 75 -6.57 5.14 -23.78
C ALA A 75 -6.41 3.90 -24.66
N GLN A 76 -6.87 3.93 -25.91
CA GLN A 76 -6.79 2.74 -26.77
C GLN A 76 -5.35 2.46 -27.21
N PHE A 77 -4.58 3.51 -27.48
CA PHE A 77 -3.16 3.34 -27.79
C PHE A 77 -2.41 2.71 -26.61
N PHE A 78 -2.70 3.16 -25.39
CA PHE A 78 -2.10 2.64 -24.17
C PHE A 78 -2.45 1.16 -24.07
N LEU A 79 -3.72 0.87 -24.14
CA LEU A 79 -4.25 -0.49 -24.05
C LEU A 79 -3.68 -1.44 -25.12
N ASP A 80 -3.52 -0.92 -26.35
CA ASP A 80 -2.98 -1.72 -27.42
C ASP A 80 -1.54 -2.15 -27.22
N ASN A 81 -0.84 -1.49 -26.29
CA ASN A 81 0.57 -1.75 -26.04
C ASN A 81 0.94 -2.30 -24.68
N VAL A 82 -0.06 -2.67 -23.91
CA VAL A 82 0.15 -3.40 -22.67
C VAL A 82 0.72 -4.79 -23.01
N PRO A 83 1.92 -5.10 -22.49
CA PRO A 83 2.65 -6.32 -22.86
C PRO A 83 2.29 -7.54 -22.04
N MET A 84 1.67 -7.35 -20.89
CA MET A 84 1.32 -8.49 -20.03
C MET A 84 0.21 -8.10 -19.11
N GLN A 85 -0.50 -9.10 -18.62
CA GLN A 85 -1.57 -8.87 -17.66
C GLN A 85 -0.96 -8.38 -16.35
N VAL A 86 -1.51 -7.29 -15.85
CA VAL A 86 -1.16 -6.73 -14.56
C VAL A 86 -2.46 -6.23 -13.98
N LYS A 87 -2.51 -5.93 -12.68
CA LYS A 87 -3.78 -5.53 -12.07
C LYS A 87 -4.16 -4.12 -12.42
N TYR A 88 -3.16 -3.23 -12.49
CA TYR A 88 -3.41 -1.80 -12.60
C TYR A 88 -2.86 -1.14 -13.87
N LEU A 89 -3.64 -0.18 -14.39
CA LEU A 89 -3.18 0.71 -15.45
C LEU A 89 -3.42 2.14 -15.02
N VAL A 90 -2.39 2.98 -15.18
CA VAL A 90 -2.36 4.29 -14.56
C VAL A 90 -2.40 5.41 -15.57
N LEU A 91 -3.27 6.35 -15.27
CA LEU A 91 -3.39 7.60 -15.97
C LEU A 91 -2.53 8.63 -15.25
N ASP A 92 -1.44 9.04 -15.88
CA ASP A 92 -0.52 10.03 -15.33
C ASP A 92 -0.94 11.37 -15.92
N TYR A 93 -1.66 12.16 -15.12
CA TYR A 93 -2.30 13.40 -15.56
C TYR A 93 -1.70 14.57 -14.79
N GLN A 94 -0.69 15.20 -15.35
CA GLN A 94 0.06 16.26 -14.63
C GLN A 94 0.52 17.39 -15.54
N ASP A 95 0.01 17.46 -16.76
CA ASP A 95 0.43 18.49 -17.68
C ASP A 95 -0.65 18.76 -18.72
N ASP A 96 -0.54 19.91 -19.35
CA ASP A 96 -1.43 20.35 -20.40
C ASP A 96 -2.93 20.25 -20.04
N PRO A 97 -3.34 20.77 -18.90
CA PRO A 97 -4.77 20.72 -18.56
C PRO A 97 -5.48 21.77 -19.39
N SER A 98 -6.73 21.53 -19.78
CA SER A 98 -7.55 22.61 -20.31
C SER A 98 -7.93 23.57 -19.15
N GLY A 99 -8.49 24.72 -19.53
CA GLY A 99 -8.88 25.73 -18.56
C GLY A 99 -10.20 25.41 -17.90
N ASP A 100 -10.82 24.30 -18.25
CA ASP A 100 -12.13 23.95 -17.75
C ASP A 100 -11.96 22.62 -16.95
N ALA A 101 -12.09 22.69 -15.63
CA ALA A 101 -11.80 21.57 -14.75
C ALA A 101 -12.79 20.46 -14.92
N GLN A 102 -14.06 20.77 -15.22
CA GLN A 102 -15.02 19.72 -15.41
C GLN A 102 -14.70 18.95 -16.70
N ALA A 103 -14.30 19.66 -17.73
CA ALA A 103 -13.90 19.00 -19.00
C ALA A 103 -12.72 18.04 -18.75
N ASN A 104 -11.71 18.55 -18.08
CA ASN A 104 -10.58 17.72 -17.65
C ASN A 104 -11.05 16.46 -16.90
N THR A 105 -11.98 16.60 -15.95
CA THR A 105 -12.49 15.49 -15.20
C THR A 105 -13.22 14.49 -16.07
N ASN A 106 -14.03 15.00 -17.00
CA ASN A 106 -14.77 14.12 -17.90
C ASN A 106 -13.80 13.33 -18.78
N ALA A 107 -12.70 13.95 -19.21
CA ALA A 107 -11.74 13.27 -20.06
C ALA A 107 -11.04 12.18 -19.25
N CYS A 108 -10.59 12.54 -18.03
CA CYS A 108 -9.96 11.58 -17.11
C CYS A 108 -10.90 10.44 -16.82
N LEU A 109 -12.18 10.76 -16.58
CA LEU A 109 -13.14 9.70 -16.29
C LEU A 109 -13.31 8.78 -17.45
N ARG A 110 -13.27 9.33 -18.67
CA ARG A 110 -13.45 8.52 -19.87
C ARG A 110 -12.25 7.58 -20.06
N PHE A 111 -11.04 8.10 -19.86
CA PHE A 111 -9.82 7.33 -19.95
C PHE A 111 -9.89 6.16 -18.97
N MET A 112 -10.17 6.46 -17.70
CA MET A 112 -10.29 5.43 -16.65
C MET A 112 -11.36 4.39 -16.90
N GLN A 113 -12.48 4.81 -17.48
CA GLN A 113 -13.57 3.87 -17.77
C GLN A 113 -13.17 2.91 -18.87
N MET A 114 -12.41 3.38 -19.86
CA MET A 114 -11.95 2.47 -20.90
C MET A 114 -10.97 1.45 -20.35
N ILE A 115 -10.12 1.87 -19.42
CA ILE A 115 -9.27 0.94 -18.70
C ILE A 115 -10.05 -0.09 -17.95
N ALA A 116 -11.06 0.34 -17.22
CA ALA A 116 -11.91 -0.55 -16.44
C ALA A 116 -12.63 -1.59 -17.31
N ASP A 117 -13.22 -1.11 -18.40
CA ASP A 117 -13.88 -1.94 -19.40
C ASP A 117 -13.02 -3.06 -20.00
N ALA A 118 -11.70 -2.81 -20.09
CA ALA A 118 -10.76 -3.77 -20.65
C ALA A 118 -10.26 -4.77 -19.61
N GLY A 119 -10.75 -4.64 -18.39
CA GLY A 119 -10.50 -5.60 -17.35
C GLY A 119 -9.37 -5.24 -16.40
N TYR A 120 -8.96 -3.99 -16.32
CA TYR A 120 -7.89 -3.60 -15.41
C TYR A 120 -8.46 -2.66 -14.36
N LYS A 121 -7.70 -2.41 -13.30
CA LYS A 121 -8.12 -1.45 -12.31
C LYS A 121 -7.44 -0.12 -12.67
N PRO A 122 -8.20 0.93 -12.91
CA PRO A 122 -7.60 2.22 -13.27
C PRO A 122 -7.09 3.00 -12.05
N ILE A 123 -6.08 3.84 -12.30
CA ILE A 123 -5.46 4.64 -11.26
C ILE A 123 -5.22 6.04 -11.87
N TYR A 124 -5.53 7.06 -11.09
CA TYR A 124 -5.25 8.43 -11.41
C TYR A 124 -4.01 8.83 -10.63
N TYR A 125 -2.97 9.27 -11.36
CA TYR A 125 -1.72 9.74 -10.79
C TYR A 125 -1.54 11.21 -11.10
N SER A 126 -1.16 11.97 -10.07
CA SER A 126 -0.84 13.38 -10.22
C SER A 126 -0.21 13.86 -8.94
N TYR A 127 -0.06 15.18 -8.80
CA TYR A 127 0.27 15.80 -7.53
C TYR A 127 -0.90 16.69 -7.06
N LYS A 128 -0.92 17.07 -5.77
CA LYS A 128 -2.05 17.67 -5.11
C LYS A 128 -2.49 19.03 -5.65
N PRO A 129 -1.65 20.04 -5.67
CA PRO A 129 -2.11 21.34 -6.18
C PRO A 129 -2.58 21.29 -7.64
N PHE A 130 -1.93 20.48 -8.48
CA PHE A 130 -2.36 20.30 -9.86
C PHE A 130 -3.76 19.72 -9.91
N THR A 131 -4.00 18.73 -9.07
CA THR A 131 -5.28 18.09 -9.04
C THR A 131 -6.36 19.05 -8.54
N HIS A 132 -6.07 19.78 -7.48
CA HIS A 132 -7.01 20.76 -6.92
C HIS A 132 -7.39 21.81 -7.96
N ASP A 133 -6.43 22.27 -8.75
CA ASP A 133 -6.70 23.32 -9.74
C ASP A 133 -7.41 22.86 -11.01
N ASN A 134 -7.23 21.58 -11.38
CA ASN A 134 -7.56 21.14 -12.72
C ASN A 134 -8.57 20.01 -12.87
N VAL A 135 -8.82 19.24 -11.82
CA VAL A 135 -9.87 18.25 -11.87
C VAL A 135 -10.72 18.30 -10.60
N ASP A 136 -11.79 17.54 -10.60
CA ASP A 136 -12.55 17.30 -9.40
C ASP A 136 -12.35 15.86 -9.00
N TYR A 137 -11.35 15.61 -8.17
CA TYR A 137 -10.98 14.22 -7.90
C TYR A 137 -12.07 13.46 -7.12
N GLN A 138 -12.93 14.17 -6.40
CA GLN A 138 -14.07 13.52 -5.77
C GLN A 138 -14.97 12.83 -6.81
N GLN A 139 -15.07 13.37 -8.02
CA GLN A 139 -15.81 12.64 -9.06
C GLN A 139 -15.10 11.40 -9.57
N ILE A 140 -13.76 11.45 -9.63
CA ILE A 140 -12.98 10.28 -9.98
C ILE A 140 -13.18 9.21 -8.93
N LEU A 141 -13.05 9.57 -7.64
CA LEU A 141 -13.27 8.60 -6.58
C LEU A 141 -14.68 8.05 -6.54
N ALA A 142 -15.67 8.86 -6.91
CA ALA A 142 -17.06 8.37 -6.88
C ALA A 142 -17.25 7.22 -7.82
N GLN A 143 -16.60 7.30 -8.98
CA GLN A 143 -16.71 6.25 -9.98
C GLN A 143 -15.65 5.18 -9.75
N PHE A 144 -14.47 5.56 -9.25
CA PHE A 144 -13.38 4.58 -9.07
C PHE A 144 -12.79 4.75 -7.67
N PRO A 145 -13.36 4.10 -6.66
CA PRO A 145 -12.90 4.32 -5.28
C PRO A 145 -11.43 3.92 -5.08
N ASN A 146 -10.76 4.67 -4.20
CA ASN A 146 -9.43 4.39 -3.77
C ASN A 146 -8.50 4.18 -4.97
N SER A 147 -8.55 5.12 -5.91
CA SER A 147 -7.83 4.98 -7.18
C SER A 147 -6.70 5.99 -7.34
N LEU A 148 -6.32 6.69 -6.26
CA LEU A 148 -5.37 7.79 -6.40
C LEU A 148 -3.93 7.37 -6.13
N TRP A 149 -3.01 7.93 -6.91
CA TRP A 149 -1.56 7.72 -6.72
C TRP A 149 -1.01 9.13 -6.70
N ILE A 150 -0.64 9.63 -5.53
CA ILE A 150 -0.31 11.05 -5.40
C ILE A 150 1.13 11.25 -5.03
N ALA A 151 1.76 12.22 -5.71
CA ALA A 151 3.17 12.58 -5.50
C ALA A 151 3.24 13.72 -4.52
N GLY A 152 4.21 13.65 -3.60
CA GLY A 152 4.48 14.67 -2.62
C GLY A 152 5.80 14.33 -1.99
N TYR A 153 6.84 15.09 -2.31
CA TYR A 153 8.22 14.70 -2.00
C TYR A 153 8.84 15.33 -0.77
N GLY A 154 8.14 16.28 -0.17
CA GLY A 154 8.68 17.02 0.96
C GLY A 154 10.00 17.64 0.51
N LEU A 155 11.09 17.37 1.23
CA LEU A 155 12.40 17.92 0.88
C LEU A 155 13.08 17.16 -0.26
N ASN A 156 12.53 15.99 -0.60
CA ASN A 156 13.00 15.16 -1.71
C ASN A 156 14.42 14.70 -1.51
N ASP A 157 14.63 14.09 -0.37
CA ASP A 157 15.96 13.62 0.04
C ASP A 157 16.10 12.12 -0.10
N GLY A 158 15.10 11.49 -0.69
CA GLY A 158 15.14 10.06 -0.93
C GLY A 158 14.41 9.22 0.11
N THR A 159 13.84 9.86 1.11
CA THR A 159 13.14 9.16 2.15
C THR A 159 11.70 9.62 2.28
N ALA A 160 10.90 8.75 2.89
CA ALA A 160 9.50 9.08 3.15
C ALA A 160 9.39 9.90 4.41
N ASN A 161 9.06 11.17 4.27
CA ASN A 161 8.93 12.06 5.41
C ASN A 161 7.44 12.36 5.57
N PHE A 162 6.83 11.72 6.55
CA PHE A 162 5.38 11.75 6.69
C PHE A 162 4.79 13.11 6.97
N GLU A 163 5.59 14.04 7.48
CA GLU A 163 5.16 15.42 7.73
C GLU A 163 4.67 16.07 6.43
N TYR A 164 5.12 15.55 5.27
CA TYR A 164 4.75 16.10 3.97
C TYR A 164 3.76 15.21 3.20
N PHE A 165 3.10 14.30 3.92
CA PHE A 165 2.07 13.46 3.32
C PHE A 165 1.02 14.34 2.61
N PRO A 166 0.78 14.08 1.32
CA PRO A 166 -0.11 14.89 0.50
C PRO A 166 -1.57 14.58 0.70
N SER A 167 -2.13 14.98 1.82
CA SER A 167 -3.43 14.51 2.30
C SER A 167 -4.55 14.77 1.31
N MET A 168 -5.06 13.68 0.75
CA MET A 168 -6.25 13.66 -0.07
C MET A 168 -7.02 12.37 0.22
N ASP A 169 -8.30 12.36 -0.10
CA ASP A 169 -9.04 11.16 0.00
C ASP A 169 -8.64 10.16 -1.04
N GLY A 170 -8.88 8.88 -0.73
CA GLY A 170 -8.72 7.84 -1.69
C GLY A 170 -7.33 7.48 -2.22
N ILE A 171 -6.28 7.93 -1.53
CA ILE A 171 -4.92 7.61 -1.95
C ILE A 171 -4.63 6.12 -1.71
N ARG A 172 -4.34 5.42 -2.79
CA ARG A 172 -3.83 4.09 -2.77
C ARG A 172 -2.33 4.00 -2.58
N TRP A 173 -1.58 4.80 -3.33
CA TRP A 173 -0.12 4.84 -3.32
C TRP A 173 0.40 6.28 -3.20
N TRP A 174 1.52 6.45 -2.51
CA TRP A 174 2.19 7.74 -2.34
C TRP A 174 3.59 7.69 -2.94
N GLN A 175 3.80 8.52 -3.95
CA GLN A 175 5.10 8.73 -4.52
C GLN A 175 5.84 9.74 -3.65
N TYR A 176 6.76 9.24 -2.85
CA TYR A 176 7.34 10.06 -1.77
C TYR A 176 8.70 10.73 -2.05
N SER A 177 9.30 10.34 -3.15
CA SER A 177 10.52 10.95 -3.57
C SER A 177 10.81 10.63 -5.01
N SER A 178 11.49 11.55 -5.69
CA SER A 178 12.07 11.29 -7.00
C SER A 178 13.60 11.21 -6.97
N ASN A 179 14.16 11.19 -5.78
CA ASN A 179 15.63 11.28 -5.61
C ASN A 179 16.25 10.00 -5.09
N PRO A 180 17.06 9.28 -5.87
CA PRO A 180 17.48 9.61 -7.23
C PRO A 180 16.57 9.01 -8.31
N PHE A 181 15.58 8.21 -7.90
CA PHE A 181 14.56 7.66 -8.84
C PHE A 181 13.22 7.72 -8.10
N ASP A 182 12.14 7.42 -8.79
CA ASP A 182 10.80 7.57 -8.23
C ASP A 182 10.51 6.45 -7.25
N LYS A 183 10.18 6.82 -6.02
CA LYS A 183 9.96 5.91 -4.93
C LYS A 183 8.55 6.00 -4.41
N ASN A 184 7.92 4.84 -4.14
CA ASN A 184 6.50 4.78 -3.81
C ASN A 184 6.24 3.82 -2.67
N ILE A 185 5.28 4.17 -1.83
CA ILE A 185 4.87 3.28 -0.70
C ILE A 185 3.36 3.06 -0.77
N VAL A 186 2.93 1.85 -0.44
CA VAL A 186 1.52 1.48 -0.56
C VAL A 186 0.72 1.82 0.69
N LEU A 187 -0.41 2.50 0.50
CA LEU A 187 -1.28 2.83 1.60
C LEU A 187 -2.40 1.83 1.81
N LEU A 188 -2.83 1.14 0.75
CA LEU A 188 -4.00 0.25 0.81
C LEU A 188 -3.64 -1.09 0.16
N ASP A 189 -4.03 -2.19 0.77
CA ASP A 189 -3.85 -3.52 0.16
C ASP A 189 -4.66 -3.58 -1.14
N ASP A 190 -4.15 -4.30 -2.11
CA ASP A 190 -4.93 -4.59 -3.28
C ASP A 190 -6.27 -5.22 -2.84
N GLU A 191 -7.35 -4.79 -3.48
CA GLU A 191 -8.66 -5.44 -3.38
C GLU A 191 -8.59 -6.89 -3.78
N GLU A 192 -9.37 -7.69 -3.08
CA GLU A 192 -9.48 -9.11 -3.39
C GLU A 192 -10.30 -9.28 -4.68
N ASP A 193 -9.68 -9.95 -5.64
CA ASP A 193 -10.25 -10.32 -6.96
C ASP A 193 -11.48 -11.29 -6.93
N ASP A 194 -11.92 -11.68 -5.73
CA ASP A 194 -12.87 -12.76 -5.57
C ASP A 194 -13.69 -12.58 -4.30
N LYS A 195 -14.72 -13.43 -4.19
CA LYS A 195 -15.45 -13.66 -2.95
C LYS A 195 -14.73 -14.84 -2.25
N PRO A 196 -13.99 -14.59 -1.17
CA PRO A 196 -13.38 -15.66 -0.37
C PRO A 196 -14.36 -16.75 0.09
N LYS A 197 -13.92 -18.01 0.02
CA LYS A 197 -14.78 -19.16 0.32
C LYS A 197 -14.65 -19.56 1.78
N THR A 198 -15.78 -19.63 2.47
CA THR A 198 -15.86 -20.24 3.81
C THR A 198 -16.41 -21.68 3.64
N ALA A 199 -15.52 -22.67 3.58
CA ALA A 199 -15.88 -24.06 3.22
C ALA A 199 -16.32 -24.81 4.48
N GLY A 200 -17.40 -24.34 5.06
CA GLY A 200 -17.94 -24.87 6.29
C GLY A 200 -18.71 -23.82 7.03
N THR A 201 -18.90 -24.02 8.33
CA THR A 201 -19.73 -23.18 9.15
C THR A 201 -19.08 -22.90 10.52
N TRP A 202 -18.98 -21.62 10.88
CA TRP A 202 -18.55 -21.27 12.22
C TRP A 202 -19.60 -21.62 13.24
N LYS A 203 -19.16 -22.10 14.39
CA LYS A 203 -20.06 -22.51 15.44
C LYS A 203 -19.54 -21.99 16.76
N GLN A 204 -20.39 -21.38 17.56
CA GLN A 204 -20.00 -20.91 18.87
C GLN A 204 -20.57 -21.83 19.96
N ASP A 205 -19.72 -22.28 20.89
CA ASP A 205 -20.23 -22.98 22.06
C ASP A 205 -19.80 -22.24 23.32
N SER A 206 -19.91 -22.87 24.49
CA SER A 206 -19.62 -22.19 25.76
C SER A 206 -18.15 -21.76 25.85
N LYS A 207 -17.25 -22.51 25.23
CA LYS A 207 -15.82 -22.27 25.39
C LYS A 207 -15.25 -21.34 24.33
N GLY A 208 -15.89 -21.25 23.17
CA GLY A 208 -15.38 -20.38 22.10
C GLY A 208 -15.94 -20.74 20.75
N TRP A 209 -15.27 -20.31 19.68
CA TRP A 209 -15.69 -20.54 18.32
C TRP A 209 -14.86 -21.68 17.69
N TRP A 210 -15.54 -22.64 17.07
CA TRP A 210 -14.87 -23.67 16.29
C TRP A 210 -15.44 -23.67 14.89
N PHE A 211 -14.76 -24.35 13.98
CA PHE A 211 -15.15 -24.34 12.57
C PHE A 211 -15.47 -25.76 12.07
N ARG A 212 -16.76 -25.97 11.79
CA ARG A 212 -17.19 -27.26 11.22
C ARG A 212 -17.02 -27.20 9.71
N ARG A 213 -15.98 -27.85 9.23
CA ARG A 213 -15.75 -27.95 7.82
C ARG A 213 -16.88 -28.70 7.15
N ASN A 214 -16.97 -28.51 5.84
CA ASN A 214 -18.04 -29.17 5.06
C ASN A 214 -18.10 -30.65 5.31
N ASN A 215 -16.95 -31.29 5.51
CA ASN A 215 -16.92 -32.75 5.73
C ASN A 215 -17.13 -33.18 7.21
N GLY A 216 -17.54 -32.21 8.03
CA GLY A 216 -17.82 -32.40 9.45
C GLY A 216 -16.63 -32.39 10.43
N SER A 217 -15.41 -32.43 9.90
CA SER A 217 -14.21 -32.31 10.71
C SER A 217 -14.01 -30.82 11.11
N PHE A 218 -12.95 -30.55 11.87
CA PHE A 218 -12.70 -29.19 12.34
C PHE A 218 -11.20 -28.99 12.58
N PRO A 219 -10.71 -27.80 12.31
CA PRO A 219 -9.28 -27.55 12.59
C PRO A 219 -8.95 -27.52 14.05
N TYR A 220 -7.81 -28.11 14.40
CA TYR A 220 -7.23 -28.06 15.75
C TYR A 220 -5.68 -28.16 15.66
N ASN A 221 -5.01 -27.55 16.62
CA ASN A 221 -3.54 -27.55 16.66
C ASN A 221 -2.95 -27.11 15.35
N LYS A 222 -3.51 -26.07 14.75
CA LYS A 222 -3.05 -25.64 13.45
C LYS A 222 -3.55 -24.28 13.08
N TRP A 223 -2.90 -23.75 12.06
CA TRP A 223 -3.33 -22.57 11.37
C TRP A 223 -4.25 -23.04 10.26
N GLU A 224 -5.27 -22.25 10.00
CA GLU A 224 -6.13 -22.51 8.87
C GLU A 224 -6.70 -21.24 8.34
N LYS A 225 -6.68 -21.13 7.02
CA LYS A 225 -7.23 -19.99 6.31
C LYS A 225 -8.67 -20.23 5.92
N ILE A 226 -9.54 -19.36 6.39
CA ILE A 226 -10.98 -19.50 6.22
C ILE A 226 -11.57 -18.15 5.84
N GLY A 227 -12.21 -18.08 4.67
CA GLY A 227 -12.83 -16.85 4.23
C GLY A 227 -11.78 -15.78 3.95
N GLY A 228 -10.62 -16.21 3.52
CA GLY A 228 -9.48 -15.34 3.22
C GLY A 228 -8.65 -14.85 4.41
N VAL A 229 -8.95 -15.35 5.61
CA VAL A 229 -8.38 -14.85 6.86
C VAL A 229 -7.71 -16.00 7.58
N TRP A 230 -6.52 -15.75 8.12
CA TRP A 230 -5.81 -16.78 8.84
C TRP A 230 -6.27 -16.84 10.32
N TYR A 231 -6.54 -18.07 10.81
CA TYR A 231 -6.91 -18.31 12.20
C TYR A 231 -6.01 -19.35 12.80
N TYR A 232 -5.82 -19.30 14.11
CA TYR A 232 -5.18 -20.41 14.79
C TYR A 232 -6.13 -21.10 15.73
N PHE A 233 -6.15 -22.43 15.64
CA PHE A 233 -7.05 -23.26 16.41
C PHE A 233 -6.25 -24.08 17.40
N ASP A 234 -6.64 -24.02 18.67
CA ASP A 234 -5.93 -24.77 19.72
C ASP A 234 -6.25 -26.27 19.70
N SER A 235 -5.75 -26.99 20.69
CA SER A 235 -5.79 -28.46 20.71
C SER A 235 -7.20 -28.98 20.79
N LYS A 236 -8.13 -28.15 21.28
CA LYS A 236 -9.54 -28.51 21.38
C LYS A 236 -10.40 -28.02 20.19
N GLY A 237 -9.79 -27.32 19.24
CA GLY A 237 -10.46 -26.80 18.07
C GLY A 237 -11.06 -25.40 18.16
N TYR A 238 -10.69 -24.64 19.18
CA TYR A 238 -11.22 -23.28 19.33
C TYR A 238 -10.19 -22.31 18.81
N CYS A 239 -10.62 -21.30 18.08
CA CYS A 239 -9.69 -20.34 17.56
C CYS A 239 -9.29 -19.37 18.70
N LEU A 240 -8.04 -18.96 18.67
CA LEU A 240 -7.53 -18.08 19.69
C LEU A 240 -8.02 -16.68 19.40
N THR A 241 -8.36 -15.95 20.44
CA THR A 241 -8.74 -14.53 20.33
C THR A 241 -7.94 -13.73 21.34
N SER A 242 -7.48 -12.57 20.93
CA SER A 242 -6.67 -11.70 21.79
C SER A 242 -5.49 -12.39 22.48
N GLU A 243 -4.67 -13.11 21.71
CA GLU A 243 -3.56 -13.86 22.27
C GLU A 243 -2.34 -13.77 21.39
N TRP A 244 -1.19 -13.67 22.04
CA TRP A 244 0.11 -13.87 21.40
C TRP A 244 0.32 -15.35 21.23
N LEU A 245 0.93 -15.71 20.12
CA LEU A 245 1.31 -17.07 19.84
C LEU A 245 2.68 -17.12 19.20
N LYS A 246 3.52 -17.99 19.76
CA LYS A 246 4.85 -18.21 19.23
C LYS A 246 4.81 -19.49 18.38
N ASP A 247 5.27 -19.40 17.14
CA ASP A 247 5.27 -20.51 16.20
C ASP A 247 6.56 -20.46 15.38
N ASN A 248 7.42 -21.47 15.57
CA ASN A 248 8.63 -21.59 14.73
C ASN A 248 9.55 -20.35 14.90
N GLU A 249 9.79 -19.98 16.15
CA GLU A 249 10.67 -18.84 16.49
C GLU A 249 10.09 -17.45 16.26
N LYS A 250 8.87 -17.35 15.72
CA LYS A 250 8.23 -16.06 15.41
C LYS A 250 7.01 -15.86 16.27
N TRP A 251 6.58 -14.61 16.42
CA TRP A 251 5.47 -14.24 17.27
C TRP A 251 4.29 -13.73 16.41
N TYR A 252 3.08 -14.17 16.76
CA TYR A 252 1.88 -13.83 15.98
C TYR A 252 0.89 -13.32 16.98
N TYR A 253 -0.02 -12.44 16.58
CA TYR A 253 -1.06 -12.00 17.47
C TYR A 253 -2.39 -12.29 16.78
N LEU A 254 -3.24 -13.11 17.43
CA LEU A 254 -4.64 -13.29 17.03
C LEU A 254 -5.49 -12.25 17.66
N LYS A 255 -6.17 -11.43 16.83
CA LYS A 255 -6.99 -10.35 17.32
C LYS A 255 -8.27 -10.78 18.02
N ASP A 256 -9.01 -9.82 18.56
CA ASP A 256 -10.25 -10.12 19.27
C ASP A 256 -11.31 -10.82 18.38
N ASN A 257 -11.23 -10.66 17.05
CA ASN A 257 -12.12 -11.39 16.12
C ASN A 257 -11.50 -12.69 15.59
N GLY A 258 -10.37 -13.08 16.16
CA GLY A 258 -9.68 -14.32 15.79
C GLY A 258 -8.68 -14.21 14.62
N ALA A 259 -8.76 -13.14 13.85
CA ALA A 259 -7.91 -12.97 12.68
C ALA A 259 -6.47 -12.68 13.10
N MET A 260 -5.54 -13.29 12.39
CA MET A 260 -4.12 -13.04 12.55
C MET A 260 -3.88 -11.58 12.14
N ALA A 261 -3.20 -10.86 13.02
CA ALA A 261 -2.90 -9.46 12.77
C ALA A 261 -1.82 -9.36 11.71
N THR A 262 -2.02 -8.44 10.77
CA THR A 262 -0.94 -7.99 9.87
C THR A 262 -0.93 -6.49 9.91
N GLY A 263 0.27 -5.93 9.79
CA GLY A 263 0.45 -4.51 9.97
C GLY A 263 0.39 -4.08 11.42
N TRP A 264 0.02 -2.82 11.66
CA TRP A 264 -0.07 -2.32 13.03
C TRP A 264 -1.29 -2.90 13.74
N VAL A 265 -1.10 -3.28 15.00
CA VAL A 265 -2.19 -3.75 15.81
C VAL A 265 -2.04 -3.21 17.21
N LEU A 266 -3.15 -2.77 17.79
CA LEU A 266 -3.16 -2.25 19.13
C LEU A 266 -3.47 -3.34 20.12
N VAL A 267 -2.50 -3.73 20.93
CA VAL A 267 -2.68 -4.84 21.89
C VAL A 267 -2.79 -4.17 23.23
N GLY A 268 -4.04 -4.07 23.71
CA GLY A 268 -4.37 -3.29 24.90
C GLY A 268 -4.19 -1.84 24.53
N SER A 269 -3.20 -1.20 25.14
CA SER A 269 -2.88 0.18 24.78
C SER A 269 -1.50 0.32 24.08
N GLU A 270 -0.85 -0.78 23.69
CA GLU A 270 0.49 -0.76 23.09
C GLU A 270 0.45 -1.14 21.61
N TRP A 271 1.17 -0.43 20.77
CA TRP A 271 1.22 -0.73 19.34
C TRP A 271 2.29 -1.77 19.04
N TYR A 272 1.94 -2.77 18.23
CA TYR A 272 2.90 -3.71 17.69
C TYR A 272 2.70 -3.77 16.18
N TYR A 273 3.77 -4.13 15.47
CA TYR A 273 3.79 -4.22 14.02
C TYR A 273 4.13 -5.61 13.56
N MET A 274 3.19 -6.22 12.84
CA MET A 274 3.32 -7.52 12.26
C MET A 274 3.59 -7.38 10.74
N ASP A 275 4.48 -8.20 10.20
CA ASP A 275 4.70 -8.19 8.76
C ASP A 275 3.50 -8.86 8.03
N ASP A 276 3.56 -8.90 6.69
CA ASP A 276 2.48 -9.46 5.87
C ASP A 276 2.19 -10.91 6.04
N SER A 277 3.17 -11.64 6.53
CA SER A 277 3.00 -13.01 6.89
C SER A 277 2.57 -13.22 8.37
N GLY A 278 2.21 -12.15 9.06
CA GLY A 278 1.81 -12.19 10.46
C GLY A 278 2.89 -12.14 11.54
N ALA A 279 4.15 -12.20 11.13
CA ALA A 279 5.25 -12.27 12.07
C ALA A 279 5.61 -10.90 12.61
N MET A 280 5.64 -10.77 13.92
CA MET A 280 6.03 -9.53 14.58
C MET A 280 7.39 -9.06 14.08
N VAL A 281 7.49 -7.76 13.87
CA VAL A 281 8.73 -7.11 13.48
C VAL A 281 9.33 -6.44 14.74
N THR A 282 10.61 -6.68 14.97
CA THR A 282 11.28 -6.06 16.11
C THR A 282 12.16 -4.95 15.65
N GLY A 283 12.64 -4.14 16.59
CA GLY A 283 13.47 -2.99 16.24
C GLY A 283 12.64 -1.74 16.03
N TRP A 284 13.26 -0.77 15.34
CA TRP A 284 12.65 0.54 15.12
C TRP A 284 11.68 0.39 13.94
N VAL A 285 10.45 0.80 14.17
CA VAL A 285 9.46 0.96 13.11
C VAL A 285 8.74 2.26 13.36
N LYS A 286 8.64 3.09 12.33
CA LYS A 286 7.95 4.36 12.43
C LYS A 286 6.53 4.18 11.95
N TYR A 287 5.58 4.60 12.77
CA TYR A 287 4.15 4.56 12.42
C TYR A 287 3.76 6.02 12.22
N LYS A 288 3.72 6.44 10.97
CA LYS A 288 3.34 7.83 10.62
C LYS A 288 4.38 8.76 11.21
N ASN A 289 4.05 9.63 12.18
CA ASN A 289 5.04 10.53 12.76
C ASN A 289 5.83 9.96 13.95
N ASN A 290 5.34 8.87 14.55
CA ASN A 290 5.85 8.39 15.81
C ASN A 290 6.74 7.17 15.62
N TRP A 291 7.70 6.98 16.53
CA TRP A 291 8.67 5.89 16.44
C TRP A 291 8.48 4.87 17.56
N TYR A 292 8.60 3.60 17.20
CA TYR A 292 8.43 2.50 18.12
C TYR A 292 9.63 1.60 18.06
N TYR A 293 10.20 1.26 19.21
CA TYR A 293 11.23 0.26 19.30
C TYR A 293 10.59 -0.94 19.99
N MET A 294 10.47 -2.02 19.29
CA MET A 294 9.66 -3.12 19.77
C MET A 294 10.54 -4.37 19.89
N THR A 295 10.31 -5.13 20.93
CA THR A 295 11.07 -6.35 21.18
C THR A 295 10.20 -7.45 21.77
N ASN A 296 10.70 -8.67 21.70
CA ASN A 296 10.00 -9.85 22.22
C ASN A 296 10.93 -10.88 22.86
N GLU A 297 12.05 -10.41 23.41
CA GLU A 297 13.03 -11.29 24.00
C GLU A 297 12.39 -12.12 25.11
N ARG A 298 12.52 -13.44 25.03
CA ARG A 298 11.96 -14.39 26.01
C ARG A 298 10.45 -14.13 26.23
N GLY A 299 9.74 -13.75 25.18
CA GLY A 299 8.31 -13.48 25.31
C GLY A 299 7.88 -12.32 26.17
N ASN A 300 8.81 -11.44 26.53
CA ASN A 300 8.48 -10.18 27.17
C ASN A 300 8.21 -9.18 26.03
N MET A 301 6.93 -8.91 25.75
CA MET A 301 6.55 -8.09 24.62
C MET A 301 6.68 -6.67 25.09
N VAL A 302 7.47 -5.90 24.38
CA VAL A 302 7.67 -4.49 24.76
C VAL A 302 7.50 -3.60 23.57
N SER A 303 6.79 -2.52 23.77
CA SER A 303 6.64 -1.50 22.76
C SER A 303 7.06 -0.13 23.32
N ASN A 304 8.30 0.26 23.03
CA ASN A 304 8.81 1.54 23.50
C ASN A 304 8.36 2.68 22.58
N GLU A 305 7.51 3.55 23.08
CA GLU A 305 6.84 4.56 22.28
C GLU A 305 7.45 5.92 22.40
N PHE A 306 7.71 6.52 21.26
CA PHE A 306 8.25 7.86 21.18
C PHE A 306 7.36 8.75 20.29
N ILE A 307 6.80 9.78 20.89
CA ILE A 307 5.84 10.68 20.22
C ILE A 307 6.50 11.98 19.74
N LYS A 308 6.32 12.28 18.46
CA LYS A 308 6.86 13.48 17.86
C LYS A 308 6.09 14.70 18.39
N SER A 309 6.83 15.75 18.72
CA SER A 309 6.25 17.03 19.09
C SER A 309 7.23 18.10 18.63
N GLY A 310 7.00 18.66 17.47
CA GLY A 310 7.94 19.62 16.90
C GLY A 310 9.19 18.93 16.38
N LYS A 311 10.37 19.42 16.82
CA LYS A 311 11.65 18.87 16.34
C LYS A 311 12.10 17.62 17.11
N GLY A 312 11.42 17.29 18.21
CA GLY A 312 11.81 16.19 19.07
C GLY A 312 10.80 15.05 19.19
N TRP A 313 11.30 13.87 19.56
CA TRP A 313 10.51 12.74 19.93
C TRP A 313 10.65 12.47 21.42
N TYR A 314 9.49 12.31 22.06
CA TYR A 314 9.36 12.20 23.48
C TYR A 314 8.89 10.82 23.89
N PHE A 315 9.61 10.22 24.83
CA PHE A 315 9.26 8.92 25.37
C PHE A 315 7.91 8.98 26.09
N MET A 316 7.08 7.98 25.85
CA MET A 316 5.85 7.79 26.54
C MET A 316 5.89 6.50 27.35
N ASN A 317 5.63 6.60 28.65
CA ASN A 317 5.49 5.43 29.56
C ASN A 317 4.20 4.57 29.32
N THR A 318 4.16 3.40 29.94
CA THR A 318 2.99 2.49 29.91
C THR A 318 1.68 3.13 30.41
N ASN A 319 1.81 3.99 31.42
CA ASN A 319 0.68 4.79 31.96
C ASN A 319 0.14 5.76 30.89
N GLY A 320 1.06 6.34 30.12
CA GLY A 320 0.72 7.30 29.09
C GLY A 320 1.13 8.72 29.45
N GLU A 321 2.21 8.86 30.23
CA GLU A 321 2.78 10.15 30.56
C GLU A 321 3.97 10.46 29.64
N LEU A 322 4.00 11.64 29.06
CA LEU A 322 5.11 12.02 28.22
C LEU A 322 6.28 12.53 29.05
N ALA A 323 7.49 12.23 28.59
CA ALA A 323 8.68 12.75 29.24
C ALA A 323 8.71 14.26 29.10
N ASP A 324 9.39 14.93 30.02
CA ASP A 324 9.48 16.39 29.98
C ASP A 324 10.28 16.93 28.79
N ASN A 325 11.25 16.15 28.34
CA ASN A 325 12.19 16.58 27.32
C ASN A 325 12.33 15.51 26.25
N PRO A 326 12.64 15.89 25.02
CA PRO A 326 12.79 14.92 23.93
C PRO A 326 13.92 13.93 24.16
N SER A 327 13.72 12.64 23.88
CA SER A 327 14.81 11.68 23.91
C SER A 327 15.69 11.74 22.69
N PHE A 328 15.13 12.11 21.53
CA PHE A 328 15.91 12.33 20.33
C PHE A 328 15.34 13.34 19.38
N THR A 329 16.24 13.91 18.57
CA THR A 329 15.87 14.80 17.50
C THR A 329 16.34 14.30 16.16
N LYS A 330 17.24 13.32 16.15
CA LYS A 330 17.73 12.73 14.93
C LYS A 330 17.07 11.35 14.88
N GLU A 331 16.32 11.10 13.83
CA GLU A 331 15.51 9.90 13.73
C GLU A 331 16.39 8.68 13.51
N PRO A 332 16.05 7.56 14.13
CA PRO A 332 16.77 6.32 13.87
C PRO A 332 16.52 5.79 12.43
N ASP A 333 17.38 4.91 11.95
CA ASP A 333 17.25 4.38 10.59
C ASP A 333 16.46 3.05 10.55
N GLY A 334 15.21 3.09 10.96
CA GLY A 334 14.36 1.91 10.98
C GLY A 334 13.43 1.77 9.80
N LEU A 335 12.40 0.96 10.00
CA LEU A 335 11.38 0.72 9.00
C LEU A 335 10.34 1.82 9.03
N ILE A 336 10.09 2.42 7.88
CA ILE A 336 9.15 3.51 7.77
C ILE A 336 7.80 2.94 7.29
N THR A 337 6.74 3.24 8.02
CA THR A 337 5.40 2.89 7.61
C THR A 337 4.48 4.09 7.69
N VAL A 338 3.33 3.99 7.02
CA VAL A 338 2.48 5.15 6.87
C VAL A 338 1.00 4.83 7.15
N ALA A 339 0.69 3.55 7.32
CA ALA A 339 -0.69 3.10 7.58
C ALA A 339 -0.70 1.75 8.27
#